data_7XM5
#
_entry.id   7XM5
#
_cell.length_a   126.247
_cell.length_b   76.211
_cell.length_c   48.203
_cell.angle_alpha   90.000
_cell.angle_beta   105.212
_cell.angle_gamma   90.000
#
_symmetry.space_group_name_H-M   'C 1 2 1'
#
loop_
_entity.id
_entity.type
_entity.pdbx_description
1 polymer 'Kelch-like ECH-associated protein 1'
2 non-polymer N-[4-[(2-azanyl-2-oxidanylidene-ethyl)-[4-[(2-azanyl-2-oxidanylidene-ethyl)-(4-methoxyphenyl)sulfonyl-amino]naphthalen-1-yl]sulfamoyl]phenyl]-3-morpholin-4-yl-propanamide
3 water water
#
_entity_poly.entity_id   1
_entity_poly.type   'polypeptide(L)'
_entity_poly.pdbx_seq_one_letter_code
;GSHAPKVGRLIYTAGGYFRQSLSYLEAYNPSDGTWLRLADLQVPRSGLAGCVVGGLLYAVGGRNNSPDGNTDSSALDCYN
PMTNQWSPCAPMSVPRNRIGVGVIDGHIYAVGGSHGCIHHNSVERYEPERDEWHLVAPMLTRRIGVGVAVLNRLLYAVGG
FDGTNRLNSAECYYPERNEWRMITAMNTIRSGAGVCVLHNCIYAAGGYDGQDQLNSVERYDVETETWTFVAPMKHRRSAL
GITVHQGRIYVLGGYDGHTFLDSVECYDPDTDTWSEVTRMTSGRSGVGVAVT
;
_entity_poly.pdbx_strand_id   A
#
loop_
_chem_comp.id
_chem_comp.type
_chem_comp.name
_chem_comp.formula
GCI non-polymer N-[4-[(2-azanyl-2-oxidanylidene-ethyl)-[4-[(2-azanyl-2-oxidanylidene-ethyl)-(4-methoxyphenyl)sulfonyl-amino]naphthalen-1-yl]sulfamoyl]phenyl]-3-morpholin-4-yl-propanamide 'C34 H38 N6 O9 S2'
#
# COMPACT_ATOMS: atom_id res chain seq x y z
N VAL A 7 9.23 20.23 -8.09
CA VAL A 7 9.60 21.18 -7.05
C VAL A 7 8.85 20.89 -5.73
N GLY A 8 7.53 20.71 -5.79
CA GLY A 8 6.72 20.48 -4.61
C GLY A 8 6.69 19.02 -4.18
N ARG A 9 5.68 18.67 -3.39
CA ARG A 9 5.50 17.26 -3.01
C ARG A 9 5.08 16.44 -4.22
N LEU A 10 5.73 15.31 -4.41
CA LEU A 10 5.45 14.44 -5.54
C LEU A 10 4.84 13.12 -5.08
N ILE A 11 4.16 12.46 -6.00
CA ILE A 11 3.66 11.12 -5.79
C ILE A 11 4.68 10.16 -6.40
N TYR A 12 5.31 9.35 -5.56
CA TYR A 12 6.33 8.41 -5.99
C TYR A 12 5.71 7.03 -6.17
N THR A 13 6.05 6.39 -7.28
CA THR A 13 5.73 4.99 -7.48
C THR A 13 7.01 4.23 -7.78
N ALA A 14 7.28 3.21 -6.98
CA ALA A 14 8.47 2.39 -7.08
C ALA A 14 8.09 0.97 -7.47
N GLY A 15 8.91 0.35 -8.32
CA GLY A 15 8.74 -1.05 -8.67
C GLY A 15 7.47 -1.31 -9.46
N GLY A 16 7.01 -2.55 -9.38
CA GLY A 16 5.81 -2.97 -10.06
C GLY A 16 6.10 -4.10 -11.02
N TYR A 17 5.03 -4.56 -11.67
CA TYR A 17 5.10 -5.72 -12.53
C TYR A 17 4.40 -5.40 -13.84
N PHE A 18 5.07 -5.71 -14.96
CA PHE A 18 4.44 -5.76 -16.27
C PHE A 18 5.25 -6.74 -17.10
N ARG A 19 4.79 -7.99 -17.17
CA ARG A 19 5.53 -9.08 -17.78
C ARG A 19 6.59 -9.60 -16.83
N GLN A 20 7.29 -8.68 -16.14
CA GLN A 20 8.29 -9.02 -15.14
C GLN A 20 8.29 -7.95 -14.05
N SER A 21 8.98 -8.24 -12.95
CA SER A 21 9.18 -7.23 -11.90
C SER A 21 10.00 -6.05 -12.44
N LEU A 22 9.69 -4.85 -11.95
CA LEU A 22 10.25 -3.64 -12.53
C LEU A 22 11.14 -2.90 -11.55
N SER A 23 12.02 -2.07 -12.10
CA SER A 23 12.97 -1.25 -11.36
C SER A 23 12.59 0.21 -11.30
N TYR A 24 11.51 0.61 -11.98
CA TYR A 24 11.24 2.03 -12.16
C TYR A 24 10.98 2.69 -10.81
N LEU A 25 11.57 3.88 -10.64
CA LEU A 25 11.12 4.87 -9.66
C LEU A 25 10.72 6.10 -10.44
N GLU A 26 9.43 6.43 -10.46
CA GLU A 26 8.94 7.61 -11.13
C GLU A 26 8.17 8.47 -10.15
N ALA A 27 8.08 9.76 -10.46
CA ALA A 27 7.38 10.69 -9.60
C ALA A 27 6.44 11.51 -10.46
N TYR A 28 5.24 11.72 -9.95
CA TYR A 28 4.21 12.52 -10.59
C TYR A 28 4.06 13.83 -9.82
N ASN A 29 4.01 14.94 -10.56
CA ASN A 29 3.72 16.25 -9.97
C ASN A 29 2.27 16.58 -10.24
N PRO A 30 1.37 16.54 -9.24
CA PRO A 30 -0.04 16.88 -9.54
C PRO A 30 -0.23 18.34 -9.87
N SER A 31 0.74 19.21 -9.56
CA SER A 31 0.60 20.63 -9.86
C SER A 31 0.62 20.90 -11.36
N ASP A 32 1.53 20.24 -12.09
CA ASP A 32 1.68 20.51 -13.51
C ASP A 32 1.53 19.27 -14.39
N GLY A 33 1.08 18.15 -13.83
CA GLY A 33 0.83 16.97 -14.63
C GLY A 33 2.05 16.30 -15.19
N THR A 34 3.24 16.63 -14.69
CA THR A 34 4.49 16.11 -15.24
C THR A 34 4.96 14.89 -14.48
N TRP A 35 5.62 13.99 -15.19
CA TRP A 35 6.28 12.84 -14.60
C TRP A 35 7.80 13.04 -14.63
N LEU A 36 8.47 12.61 -13.58
CA LEU A 36 9.92 12.58 -13.50
C LEU A 36 10.40 11.14 -13.48
N ARG A 37 11.59 10.90 -14.04
CA ARG A 37 12.25 9.61 -13.98
C ARG A 37 13.42 9.72 -13.02
N LEU A 38 13.45 8.83 -12.03
CA LEU A 38 14.43 8.86 -10.97
C LEU A 38 15.28 7.59 -11.02
N ALA A 39 16.17 7.45 -10.04
CA ALA A 39 17.08 6.31 -10.01
C ALA A 39 16.32 4.99 -9.87
N ASP A 40 16.62 4.05 -10.76
CA ASP A 40 16.13 2.68 -10.66
C ASP A 40 16.42 2.11 -9.27
N LEU A 41 15.51 1.26 -8.80
CA LEU A 41 15.81 0.36 -7.69
C LEU A 41 17.00 -0.53 -8.04
N GLN A 42 17.71 -1.01 -7.00
CA GLN A 42 18.82 -1.95 -7.21
C GLN A 42 18.31 -3.25 -7.83
N VAL A 43 17.29 -3.83 -7.22
CA VAL A 43 16.71 -5.11 -7.62
C VAL A 43 15.27 -4.83 -8.06
N PRO A 44 14.85 -5.27 -9.25
CA PRO A 44 13.44 -5.06 -9.61
C PRO A 44 12.53 -5.82 -8.64
N ARG A 45 11.38 -5.22 -8.32
CA ARG A 45 10.51 -5.74 -7.26
C ARG A 45 9.07 -5.35 -7.54
N SER A 46 8.16 -6.28 -7.27
CA SER A 46 6.74 -5.99 -7.27
C SER A 46 6.13 -6.53 -5.99
N GLY A 47 4.91 -6.07 -5.70
CA GLY A 47 4.27 -6.51 -4.48
C GLY A 47 4.88 -5.93 -3.23
N LEU A 48 5.67 -4.87 -3.35
CA LEU A 48 6.24 -4.14 -2.23
C LEU A 48 5.29 -3.03 -1.77
N ALA A 49 5.65 -2.35 -0.71
CA ALA A 49 4.88 -1.20 -0.25
C ALA A 49 5.84 -0.02 -0.08
N GLY A 50 5.32 1.17 -0.37
CA GLY A 50 6.05 2.40 -0.21
C GLY A 50 5.66 3.13 1.07
N CYS A 51 6.60 3.91 1.60
CA CYS A 51 6.22 4.89 2.60
C CYS A 51 7.32 5.93 2.72
N VAL A 52 7.03 6.98 3.47
CA VAL A 52 7.93 8.12 3.63
C VAL A 52 8.11 8.36 5.12
N VAL A 53 9.36 8.53 5.54
CA VAL A 53 9.70 8.91 6.91
C VAL A 53 10.85 9.91 6.84
N GLY A 54 10.68 11.08 7.45
CA GLY A 54 11.72 12.10 7.43
C GLY A 54 12.17 12.47 6.03
N GLY A 55 11.22 12.59 5.09
CA GLY A 55 11.53 12.88 3.71
C GLY A 55 12.26 11.80 2.96
N LEU A 56 12.45 10.62 3.55
CA LEU A 56 13.06 9.50 2.85
C LEU A 56 11.95 8.54 2.39
N LEU A 57 12.11 8.02 1.20
CA LEU A 57 11.19 7.06 0.63
C LEU A 57 11.74 5.67 0.90
N TYR A 58 10.86 4.75 1.29
CA TYR A 58 11.25 3.40 1.64
C TYR A 58 10.48 2.40 0.80
N ALA A 59 11.19 1.45 0.22
CA ALA A 59 10.61 0.34 -0.51
C ALA A 59 10.77 -0.90 0.37
N VAL A 60 9.65 -1.54 0.69
CA VAL A 60 9.63 -2.61 1.68
C VAL A 60 9.06 -3.89 1.05
N GLY A 61 9.85 -4.96 1.09
CA GLY A 61 9.32 -6.27 0.76
C GLY A 61 9.16 -6.46 -0.74
N GLY A 62 8.20 -7.31 -1.09
CA GLY A 62 7.93 -7.63 -2.48
C GLY A 62 8.55 -8.93 -2.93
N ARG A 63 8.59 -9.08 -4.25
CA ARG A 63 9.12 -10.26 -4.92
C ARG A 63 10.15 -9.83 -5.95
N ASN A 64 11.32 -10.48 -5.92
CA ASN A 64 12.49 -10.14 -6.72
C ASN A 64 12.43 -10.73 -8.13
N ASN A 65 13.43 -10.36 -8.94
CA ASN A 65 13.70 -11.04 -10.21
C ASN A 65 15.21 -11.19 -10.44
N THR A 71 13.25 -15.45 -4.30
CA THR A 71 12.63 -14.32 -4.99
C THR A 71 11.69 -13.45 -4.10
N ASP A 72 11.02 -14.01 -3.10
CA ASP A 72 10.34 -13.15 -2.11
C ASP A 72 11.39 -12.39 -1.29
N SER A 73 11.07 -11.13 -0.97
CA SER A 73 12.06 -10.16 -0.53
C SER A 73 11.86 -9.76 0.92
N SER A 74 12.94 -9.86 1.71
CA SER A 74 12.98 -9.27 3.03
C SER A 74 13.60 -7.88 3.03
N ALA A 75 13.81 -7.28 1.85
CA ALA A 75 14.64 -6.10 1.72
C ALA A 75 13.90 -4.84 2.16
N LEU A 76 14.65 -3.92 2.74
CA LEU A 76 14.19 -2.56 2.95
C LEU A 76 15.22 -1.66 2.28
N ASP A 77 14.78 -0.86 1.33
CA ASP A 77 15.67 0.06 0.66
C ASP A 77 15.16 1.47 0.83
N CYS A 78 16.09 2.42 0.90
CA CYS A 78 15.79 3.82 1.18
C CYS A 78 16.28 4.70 0.04
N TYR A 79 15.37 5.50 -0.50
CA TYR A 79 15.66 6.44 -1.55
C TYR A 79 15.68 7.84 -0.96
N ASN A 80 16.76 8.57 -1.20
CA ASN A 80 16.86 9.96 -0.78
C ASN A 80 16.54 10.87 -1.97
N PRO A 81 15.45 11.62 -1.97
CA PRO A 81 15.16 12.48 -3.12
C PRO A 81 16.24 13.54 -3.35
N MET A 82 16.99 13.94 -2.31
CA MET A 82 17.99 14.99 -2.46
C MET A 82 19.27 14.52 -3.15
N THR A 83 19.57 13.23 -3.12
CA THR A 83 20.73 12.67 -3.80
C THR A 83 20.37 11.74 -4.94
N ASN A 84 19.08 11.54 -5.21
CA ASN A 84 18.63 10.61 -6.24
C ASN A 84 19.31 9.27 -6.10
N GLN A 85 19.47 8.80 -4.88
CA GLN A 85 20.18 7.57 -4.59
C GLN A 85 19.36 6.62 -3.73
N TRP A 86 19.46 5.31 -4.03
CA TRP A 86 18.91 4.26 -3.19
C TRP A 86 20.01 3.72 -2.28
N SER A 87 19.68 3.45 -1.01
CA SER A 87 20.65 2.77 -0.14
C SER A 87 19.99 1.60 0.57
N PRO A 88 20.70 0.48 0.77
CA PRO A 88 20.11 -0.64 1.50
C PRO A 88 19.98 -0.35 2.99
N CYS A 89 18.95 -0.94 3.59
CA CYS A 89 18.63 -0.83 5.01
C CYS A 89 18.66 -2.23 5.62
N ALA A 90 18.58 -2.31 6.94
CA ALA A 90 18.51 -3.62 7.59
C ALA A 90 17.37 -4.44 7.02
N PRO A 91 17.59 -5.70 6.66
CA PRO A 91 16.47 -6.53 6.18
C PRO A 91 15.50 -6.90 7.28
N MET A 92 14.25 -7.14 6.89
CA MET A 92 13.27 -7.70 7.80
C MET A 92 13.68 -9.10 8.23
N SER A 93 13.07 -9.57 9.33
CA SER A 93 13.36 -10.92 9.80
C SER A 93 12.84 -12.01 8.84
N VAL A 94 11.86 -11.73 7.98
CA VAL A 94 11.36 -12.70 7.00
C VAL A 94 11.02 -11.99 5.71
N PRO A 95 11.14 -12.68 4.57
CA PRO A 95 10.59 -12.16 3.32
C PRO A 95 9.09 -11.90 3.46
N ARG A 96 8.62 -10.83 2.81
CA ARG A 96 7.22 -10.38 2.91
C ARG A 96 6.82 -9.86 1.55
N ASN A 97 6.24 -10.73 0.73
CA ASN A 97 5.67 -10.33 -0.54
C ASN A 97 4.21 -9.93 -0.31
N ARG A 98 3.71 -9.00 -1.11
CA ARG A 98 2.31 -8.58 -0.97
C ARG A 98 2.08 -8.00 0.42
N ILE A 99 3.04 -7.16 0.84
CA ILE A 99 3.12 -6.65 2.19
C ILE A 99 2.21 -5.44 2.35
N GLY A 100 1.81 -5.17 3.59
CA GLY A 100 1.19 -3.91 3.94
C GLY A 100 2.15 -3.18 4.85
N VAL A 101 2.12 -1.85 4.80
CA VAL A 101 3.05 -1.02 5.55
C VAL A 101 2.29 0.18 6.10
N GLY A 102 2.58 0.53 7.35
CA GLY A 102 2.09 1.77 7.93
C GLY A 102 3.17 2.40 8.80
N VAL A 103 3.08 3.71 8.96
CA VAL A 103 4.04 4.49 9.74
C VAL A 103 3.35 5.00 11.00
N ILE A 104 3.97 4.77 12.16
CA ILE A 104 3.54 5.37 13.42
C ILE A 104 4.75 6.04 14.07
N ASP A 105 4.69 7.36 14.21
CA ASP A 105 5.74 8.14 14.88
C ASP A 105 7.12 7.84 14.29
N GLY A 106 7.23 7.95 12.96
CA GLY A 106 8.53 7.69 12.36
C GLY A 106 8.98 6.25 12.39
N HIS A 107 8.10 5.29 12.69
CA HIS A 107 8.47 3.90 12.68
C HIS A 107 7.63 3.17 11.65
N ILE A 108 8.27 2.29 10.88
CA ILE A 108 7.63 1.60 9.76
C ILE A 108 7.15 0.23 10.26
N TYR A 109 5.84 -0.01 10.15
CA TYR A 109 5.28 -1.31 10.47
C TYR A 109 5.12 -2.11 9.19
N ALA A 110 5.77 -3.28 9.15
CA ALA A 110 5.62 -4.24 8.06
C ALA A 110 4.62 -5.29 8.52
N VAL A 111 3.50 -5.39 7.81
CA VAL A 111 2.36 -6.20 8.23
C VAL A 111 2.20 -7.38 7.28
N GLY A 112 2.17 -8.59 7.83
CA GLY A 112 1.72 -9.73 7.02
C GLY A 112 2.61 -10.00 5.83
N GLY A 113 1.99 -10.28 4.70
CA GLY A 113 2.73 -10.69 3.52
C GLY A 113 2.95 -12.18 3.49
N SER A 114 3.59 -12.62 2.39
CA SER A 114 3.84 -14.05 2.18
C SER A 114 5.32 -14.29 1.91
N HIS A 115 5.76 -15.50 2.27
CA HIS A 115 7.08 -16.03 1.94
C HIS A 115 6.85 -17.43 1.35
N GLY A 116 6.96 -17.56 0.04
CA GLY A 116 6.56 -18.82 -0.55
C GLY A 116 5.10 -19.08 -0.26
N CYS A 117 4.82 -20.22 0.36
CA CYS A 117 3.47 -20.59 0.79
C CYS A 117 3.17 -20.26 2.22
N ILE A 118 4.11 -19.66 2.94
CA ILE A 118 3.84 -19.18 4.27
C ILE A 118 3.06 -17.87 4.20
N HIS A 119 1.92 -17.80 4.88
CA HIS A 119 1.12 -16.59 4.97
C HIS A 119 1.31 -15.99 6.36
N HIS A 120 1.96 -14.81 6.42
CA HIS A 120 2.36 -14.25 7.71
C HIS A 120 1.18 -13.62 8.42
N ASN A 121 1.09 -13.86 9.72
CA ASN A 121 0.38 -12.96 10.58
C ASN A 121 1.33 -12.12 11.42
N SER A 122 2.63 -12.33 11.30
CA SER A 122 3.58 -11.56 12.10
C SER A 122 3.69 -10.13 11.59
N VAL A 123 4.18 -9.28 12.46
CA VAL A 123 4.29 -7.85 12.23
C VAL A 123 5.61 -7.41 12.83
N GLU A 124 6.37 -6.61 12.10
CA GLU A 124 7.59 -6.06 12.67
C GLU A 124 7.65 -4.56 12.41
N ARG A 125 8.50 -3.91 13.21
CA ARG A 125 8.59 -2.46 13.35
C ARG A 125 10.02 -2.02 13.10
N TYR A 126 10.22 -1.11 12.18
CA TYR A 126 11.57 -0.69 11.81
C TYR A 126 11.85 0.67 12.43
N GLU A 127 13.03 0.80 13.03
CA GLU A 127 13.43 2.08 13.64
C GLU A 127 14.48 2.73 12.77
N PRO A 128 14.14 3.75 11.99
CA PRO A 128 15.16 4.43 11.18
C PRO A 128 16.33 4.97 11.97
N GLU A 129 16.08 5.50 13.16
CA GLU A 129 17.16 6.04 13.98
C GLU A 129 18.17 4.98 14.40
N ARG A 130 17.79 3.68 14.35
CA ARG A 130 18.70 2.59 14.71
C ARG A 130 18.97 1.59 13.61
N ASP A 131 18.29 1.66 12.47
CA ASP A 131 18.41 0.63 11.41
C ASP A 131 18.18 -0.76 11.99
N GLU A 132 17.09 -0.91 12.74
CA GLU A 132 16.76 -2.18 13.37
C GLU A 132 15.27 -2.45 13.24
N TRP A 133 14.94 -3.72 12.96
CA TRP A 133 13.57 -4.23 13.00
C TRP A 133 13.36 -5.01 14.29
N HIS A 134 12.14 -4.95 14.80
CA HIS A 134 11.75 -5.76 15.95
C HIS A 134 10.32 -6.23 15.77
N LEU A 135 10.09 -7.51 16.08
CA LEU A 135 8.75 -8.07 16.03
C LEU A 135 7.84 -7.42 17.08
N VAL A 136 6.59 -7.18 16.69
CA VAL A 136 5.55 -6.77 17.63
C VAL A 136 4.51 -7.89 17.67
N ALA A 137 3.43 -7.66 18.41
CA ALA A 137 2.39 -8.67 18.52
C ALA A 137 1.91 -9.12 17.14
N PRO A 138 1.76 -10.43 16.91
CA PRO A 138 1.22 -10.86 15.61
C PRO A 138 -0.26 -10.53 15.48
N MET A 139 -0.68 -10.33 14.23
CA MET A 139 -2.09 -10.14 13.91
C MET A 139 -2.91 -11.37 14.29
N LEU A 140 -4.22 -11.14 14.49
CA LEU A 140 -5.15 -12.25 14.74
C LEU A 140 -5.30 -13.15 13.52
N THR A 141 -5.11 -12.60 12.32
CA THR A 141 -5.31 -13.31 11.06
C THR A 141 -4.06 -13.21 10.21
N ARG A 142 -3.74 -14.28 9.49
CA ARG A 142 -2.71 -14.21 8.46
C ARG A 142 -3.26 -13.38 7.31
N ARG A 143 -2.47 -12.41 6.84
CA ARG A 143 -2.94 -11.54 5.75
C ARG A 143 -1.81 -11.28 4.78
N ILE A 144 -2.04 -11.64 3.54
CA ILE A 144 -1.22 -11.18 2.43
C ILE A 144 -2.14 -10.42 1.49
N GLY A 145 -1.58 -9.48 0.75
CA GLY A 145 -2.44 -8.61 -0.02
C GLY A 145 -3.27 -7.71 0.86
N VAL A 146 -2.79 -7.47 2.09
CA VAL A 146 -3.49 -6.70 3.12
C VAL A 146 -3.30 -5.21 2.90
N GLY A 147 -4.37 -4.44 3.06
CA GLY A 147 -4.28 -3.00 3.06
C GLY A 147 -4.06 -2.49 4.48
N VAL A 148 -3.19 -1.47 4.61
CA VAL A 148 -2.80 -0.94 5.92
C VAL A 148 -3.05 0.56 5.99
N ALA A 149 -3.54 1.01 7.15
CA ALA A 149 -3.88 2.41 7.36
C ALA A 149 -3.62 2.78 8.81
N VAL A 150 -3.11 3.99 9.04
CA VAL A 150 -2.81 4.48 10.37
C VAL A 150 -3.74 5.65 10.64
N LEU A 151 -4.42 5.60 11.77
CA LEU A 151 -5.46 6.59 12.08
C LEU A 151 -5.58 6.67 13.59
N ASN A 152 -5.37 7.85 14.15
CA ASN A 152 -5.42 8.07 15.60
C ASN A 152 -4.36 7.23 16.33
N ARG A 153 -3.19 7.10 15.72
CA ARG A 153 -2.08 6.31 16.26
C ARG A 153 -2.46 4.85 16.44
N LEU A 154 -3.45 4.38 15.70
CA LEU A 154 -3.74 2.96 15.59
C LEU A 154 -3.38 2.48 14.19
N LEU A 155 -2.94 1.23 14.07
CA LEU A 155 -2.66 0.63 12.78
C LEU A 155 -3.81 -0.32 12.42
N TYR A 156 -4.42 -0.12 11.26
CA TYR A 156 -5.48 -0.99 10.77
C TYR A 156 -4.95 -1.90 9.67
N ALA A 157 -5.28 -3.20 9.77
CA ALA A 157 -5.00 -4.18 8.72
C ALA A 157 -6.32 -4.63 8.11
N VAL A 158 -6.48 -4.42 6.81
CA VAL A 158 -7.77 -4.52 6.11
C VAL A 158 -7.68 -5.54 4.99
N GLY A 159 -8.61 -6.49 4.97
CA GLY A 159 -8.76 -7.50 3.93
C GLY A 159 -7.53 -8.37 3.73
N GLY A 160 -7.34 -8.79 2.48
CA GLY A 160 -6.25 -9.69 2.16
C GLY A 160 -6.73 -11.13 2.04
N PHE A 161 -5.73 -12.02 2.05
CA PHE A 161 -5.90 -13.45 1.83
C PHE A 161 -5.15 -14.16 2.94
N ASP A 162 -5.80 -15.10 3.64
CA ASP A 162 -5.16 -15.76 4.76
C ASP A 162 -4.55 -17.11 4.40
N GLY A 163 -4.54 -17.47 3.11
CA GLY A 163 -4.06 -18.75 2.65
C GLY A 163 -5.17 -19.74 2.33
N THR A 164 -6.35 -19.54 2.92
CA THR A 164 -7.55 -20.32 2.64
C THR A 164 -8.66 -19.45 2.07
N ASN A 165 -9.12 -18.44 2.81
CA ASN A 165 -10.17 -17.53 2.38
C ASN A 165 -9.62 -16.16 2.04
N ARG A 166 -10.21 -15.53 1.02
CA ARG A 166 -10.12 -14.10 0.86
C ARG A 166 -10.98 -13.44 1.94
N LEU A 167 -10.61 -12.22 2.34
CA LEU A 167 -11.09 -11.68 3.60
C LEU A 167 -11.83 -10.37 3.43
N ASN A 168 -12.91 -10.20 4.19
CA ASN A 168 -13.47 -8.89 4.41
C ASN A 168 -13.23 -8.41 5.82
N SER A 169 -12.60 -9.21 6.66
CA SER A 169 -12.37 -8.75 8.03
C SER A 169 -11.30 -7.67 8.04
N ALA A 170 -11.18 -7.02 9.19
CA ALA A 170 -10.21 -5.98 9.42
C ALA A 170 -9.89 -6.00 10.91
N GLU A 171 -8.67 -5.63 11.26
CA GLU A 171 -8.31 -5.59 12.65
C GLU A 171 -7.39 -4.41 12.89
N CYS A 172 -7.18 -4.12 14.17
CA CYS A 172 -6.64 -2.87 14.66
C CYS A 172 -5.53 -3.20 15.64
N TYR A 173 -4.36 -2.59 15.46
CA TYR A 173 -3.26 -2.79 16.38
C TYR A 173 -3.14 -1.58 17.31
N TYR A 174 -2.94 -1.84 18.60
CA TYR A 174 -2.84 -0.82 19.63
C TYR A 174 -1.39 -0.74 20.11
N PRO A 175 -0.60 0.21 19.60
CA PRO A 175 0.83 0.26 19.97
C PRO A 175 1.09 0.37 21.47
N GLU A 176 0.30 1.13 22.22
CA GLU A 176 0.59 1.23 23.66
C GLU A 176 0.29 -0.07 24.39
N ARG A 177 -0.70 -0.83 23.92
CA ARG A 177 -1.04 -2.10 24.54
C ARG A 177 -0.35 -3.29 23.87
N ASN A 178 0.23 -3.08 22.68
CA ASN A 178 0.79 -4.14 21.84
C ASN A 178 -0.20 -5.29 21.68
N GLU A 179 -1.37 -4.97 21.09
CA GLU A 179 -2.39 -5.98 20.88
C GLU A 179 -3.26 -5.63 19.68
N TRP A 180 -3.91 -6.64 19.13
CA TRP A 180 -4.80 -6.49 17.99
C TRP A 180 -6.21 -6.88 18.42
N ARG A 181 -7.20 -6.18 17.86
CA ARG A 181 -8.60 -6.53 18.03
C ARG A 181 -9.31 -6.45 16.68
N MET A 182 -10.21 -7.38 16.43
CA MET A 182 -11.00 -7.32 15.22
C MET A 182 -11.89 -6.07 15.26
N ILE A 183 -12.16 -5.52 14.08
CA ILE A 183 -13.13 -4.44 14.00
C ILE A 183 -14.22 -4.87 13.03
N THR A 184 -15.14 -3.97 12.71
CA THR A 184 -16.22 -4.32 11.81
C THR A 184 -15.64 -4.79 10.48
N ALA A 185 -16.21 -5.87 9.95
CA ALA A 185 -15.83 -6.32 8.63
C ALA A 185 -16.36 -5.37 7.54
N MET A 186 -15.79 -5.50 6.35
CA MET A 186 -16.18 -4.73 5.18
C MET A 186 -17.41 -5.35 4.52
N ASN A 187 -18.11 -4.53 3.73
CA ASN A 187 -19.19 -5.06 2.92
C ASN A 187 -18.67 -6.07 1.90
N THR A 188 -17.52 -5.80 1.32
CA THR A 188 -16.96 -6.66 0.28
C THR A 188 -15.66 -7.31 0.74
N ILE A 189 -15.49 -8.57 0.33
CA ILE A 189 -14.19 -9.23 0.43
C ILE A 189 -13.21 -8.52 -0.49
N ARG A 190 -12.00 -8.25 0.01
CA ARG A 190 -10.99 -7.54 -0.77
C ARG A 190 -9.60 -8.05 -0.40
N SER A 191 -8.93 -8.72 -1.34
CA SER A 191 -7.48 -8.77 -1.30
C SER A 191 -6.91 -7.79 -2.33
N GLY A 192 -5.67 -7.36 -2.08
CA GLY A 192 -5.00 -6.45 -3.01
C GLY A 192 -5.70 -5.13 -3.23
N ALA A 193 -6.46 -4.66 -2.24
CA ALA A 193 -7.07 -3.34 -2.31
C ALA A 193 -6.04 -2.25 -2.03
N GLY A 194 -6.37 -1.05 -2.48
CA GLY A 194 -5.72 0.15 -1.99
C GLY A 194 -6.42 0.66 -0.76
N VAL A 195 -5.68 0.77 0.35
CA VAL A 195 -6.20 1.27 1.62
C VAL A 195 -5.41 2.50 2.02
N CYS A 196 -6.12 3.57 2.40
CA CYS A 196 -5.49 4.79 2.87
C CYS A 196 -6.43 5.47 3.85
N VAL A 197 -5.96 6.59 4.37
CA VAL A 197 -6.73 7.40 5.29
C VAL A 197 -6.92 8.78 4.68
N LEU A 198 -8.17 9.23 4.62
CA LEU A 198 -8.50 10.57 4.14
C LEU A 198 -9.54 11.19 5.06
N HIS A 199 -9.21 12.35 5.63
CA HIS A 199 -10.16 13.13 6.42
C HIS A 199 -10.85 12.28 7.48
N ASN A 200 -10.04 11.53 8.22
CA ASN A 200 -10.45 10.77 9.41
C ASN A 200 -11.21 9.49 9.10
N CYS A 201 -11.34 9.08 7.84
CA CYS A 201 -11.92 7.80 7.49
C CYS A 201 -10.87 6.93 6.83
N ILE A 202 -11.07 5.62 6.92
CA ILE A 202 -10.25 4.63 6.22
C ILE A 202 -10.96 4.28 4.93
N TYR A 203 -10.26 4.41 3.82
CA TYR A 203 -10.81 4.05 2.52
C TYR A 203 -10.21 2.75 2.02
N ALA A 204 -11.05 1.89 1.47
CA ALA A 204 -10.65 0.64 0.86
C ALA A 204 -11.14 0.67 -0.57
N ALA A 205 -10.22 0.76 -1.52
CA ALA A 205 -10.56 0.96 -2.92
C ALA A 205 -10.16 -0.27 -3.72
N GLY A 206 -11.09 -0.77 -4.52
CA GLY A 206 -10.80 -1.87 -5.41
C GLY A 206 -10.45 -3.15 -4.67
N GLY A 207 -9.65 -3.97 -5.31
CA GLY A 207 -9.27 -5.26 -4.79
C GLY A 207 -9.93 -6.38 -5.57
N TYR A 208 -9.67 -7.60 -5.11
CA TYR A 208 -10.15 -8.81 -5.73
C TYR A 208 -11.03 -9.54 -4.71
N ASP A 209 -12.30 -9.76 -5.07
CA ASP A 209 -13.26 -10.37 -4.16
C ASP A 209 -13.29 -11.89 -4.27
N GLY A 210 -12.40 -12.50 -5.04
CA GLY A 210 -12.37 -13.93 -5.23
C GLY A 210 -12.83 -14.38 -6.60
N GLN A 211 -13.66 -13.59 -7.26
CA GLN A 211 -14.04 -13.83 -8.64
C GLN A 211 -13.66 -12.70 -9.57
N ASP A 212 -13.80 -11.45 -9.14
CA ASP A 212 -13.60 -10.30 -10.02
C ASP A 212 -12.69 -9.26 -9.36
N GLN A 213 -11.98 -8.49 -10.18
CA GLN A 213 -11.46 -7.24 -9.68
C GLN A 213 -12.62 -6.29 -9.42
N LEU A 214 -12.44 -5.41 -8.45
CA LEU A 214 -13.50 -4.54 -7.97
C LEU A 214 -13.20 -3.10 -8.32
N ASN A 215 -14.26 -2.35 -8.63
CA ASN A 215 -14.18 -0.91 -8.68
C ASN A 215 -14.89 -0.26 -7.50
N SER A 216 -15.54 -1.04 -6.66
CA SER A 216 -16.19 -0.45 -5.50
C SER A 216 -15.15 0.13 -4.53
N VAL A 217 -15.62 1.08 -3.73
CA VAL A 217 -14.82 1.79 -2.75
C VAL A 217 -15.68 2.00 -1.52
N GLU A 218 -15.20 1.55 -0.37
CA GLU A 218 -15.94 1.75 0.86
C GLU A 218 -15.04 2.42 1.87
N ARG A 219 -15.64 3.24 2.71
CA ARG A 219 -14.92 3.91 3.78
C ARG A 219 -15.55 3.53 5.11
N TYR A 220 -14.70 3.49 6.12
CA TYR A 220 -15.02 3.10 7.47
C TYR A 220 -14.94 4.35 8.34
N ASP A 221 -16.05 4.70 8.96
CA ASP A 221 -16.07 5.82 9.89
C ASP A 221 -15.89 5.25 11.28
N VAL A 222 -14.84 5.68 11.96
CA VAL A 222 -14.50 5.02 13.22
C VAL A 222 -15.52 5.37 14.30
N GLU A 223 -16.00 6.62 14.32
CA GLU A 223 -17.06 6.97 15.26
C GLU A 223 -18.18 5.95 15.22
N THR A 224 -18.89 5.87 14.09
CA THR A 224 -20.01 4.94 13.95
C THR A 224 -19.57 3.52 13.64
N GLU A 225 -18.26 3.28 13.53
CA GLU A 225 -17.68 1.94 13.32
C GLU A 225 -18.46 1.14 12.28
N THR A 226 -18.63 1.72 11.09
CA THR A 226 -19.33 1.06 10.00
C THR A 226 -18.64 1.40 8.68
N TRP A 227 -18.77 0.49 7.71
CA TRP A 227 -18.24 0.67 6.36
C TRP A 227 -19.36 1.10 5.42
N THR A 228 -19.20 2.25 4.78
CA THR A 228 -20.14 2.75 3.78
C THR A 228 -19.51 2.75 2.40
N PHE A 229 -20.26 2.31 1.40
CA PHE A 229 -19.80 2.47 0.02
C PHE A 229 -19.80 3.94 -0.36
N VAL A 230 -18.84 4.31 -1.21
CA VAL A 230 -18.83 5.63 -1.82
C VAL A 230 -18.71 5.45 -3.33
N ALA A 231 -18.52 6.56 -4.05
CA ALA A 231 -18.52 6.50 -5.50
C ALA A 231 -17.47 5.50 -5.99
N PRO A 232 -17.84 4.56 -6.84
CA PRO A 232 -16.86 3.60 -7.35
C PRO A 232 -15.94 4.24 -8.38
N MET A 233 -14.80 3.59 -8.61
CA MET A 233 -13.79 4.06 -9.55
C MET A 233 -14.22 3.78 -10.98
N LYS A 234 -13.59 4.47 -11.92
CA LYS A 234 -13.86 4.19 -13.33
C LYS A 234 -13.38 2.79 -13.70
N HIS A 235 -12.11 2.47 -13.41
CA HIS A 235 -11.55 1.18 -13.76
C HIS A 235 -11.43 0.30 -12.53
N ARG A 236 -11.96 -0.92 -12.62
CA ARG A 236 -11.78 -1.88 -11.56
C ARG A 236 -10.34 -2.37 -11.53
N ARG A 237 -9.83 -2.68 -10.34
CA ARG A 237 -8.41 -2.94 -10.27
C ARG A 237 -8.05 -3.54 -8.92
N SER A 238 -7.08 -4.45 -8.94
CA SER A 238 -6.43 -4.91 -7.74
C SER A 238 -4.93 -4.69 -7.86
N ALA A 239 -4.23 -4.85 -6.74
CA ALA A 239 -2.80 -4.58 -6.69
C ALA A 239 -2.50 -3.18 -7.19
N LEU A 240 -3.32 -2.22 -6.79
CA LEU A 240 -3.13 -0.84 -7.18
C LEU A 240 -2.27 -0.13 -6.14
N GLY A 241 -1.61 0.92 -6.58
CA GLY A 241 -0.99 1.84 -5.67
C GLY A 241 -2.01 2.88 -5.22
N ILE A 242 -1.83 3.39 -4.01
CA ILE A 242 -2.78 4.34 -3.47
C ILE A 242 -2.03 5.34 -2.61
N THR A 243 -2.50 6.58 -2.64
CA THR A 243 -1.93 7.58 -1.76
C THR A 243 -2.93 8.72 -1.64
N VAL A 244 -2.60 9.66 -0.75
CA VAL A 244 -3.40 10.86 -0.51
C VAL A 244 -2.51 12.07 -0.73
N HIS A 245 -3.00 13.02 -1.50
CA HIS A 245 -2.28 14.25 -1.77
C HIS A 245 -3.30 15.37 -1.81
N GLN A 246 -3.13 16.35 -0.94
CA GLN A 246 -3.98 17.54 -0.88
C GLN A 246 -5.45 17.16 -0.81
N GLY A 247 -5.77 16.34 0.19
CA GLY A 247 -7.16 15.99 0.40
C GLY A 247 -7.84 15.27 -0.74
N ARG A 248 -7.08 14.60 -1.60
CA ARG A 248 -7.67 13.73 -2.62
C ARG A 248 -6.93 12.40 -2.63
N ILE A 249 -7.63 11.34 -3.06
CA ILE A 249 -7.06 10.01 -3.17
C ILE A 249 -6.59 9.78 -4.60
N TYR A 250 -5.39 9.22 -4.76
CA TYR A 250 -4.86 8.80 -6.06
C TYR A 250 -4.65 7.30 -6.06
N VAL A 251 -5.15 6.62 -7.08
CA VAL A 251 -4.88 5.21 -7.27
C VAL A 251 -4.11 5.07 -8.58
N LEU A 252 -3.10 4.20 -8.59
CA LEU A 252 -2.13 4.13 -9.68
C LEU A 252 -2.01 2.70 -10.17
N GLY A 253 -2.36 2.50 -11.43
CA GLY A 253 -2.10 1.21 -12.06
C GLY A 253 -2.94 0.10 -11.45
N GLY A 254 -2.39 -1.10 -11.50
CA GLY A 254 -3.08 -2.27 -11.02
C GLY A 254 -3.40 -3.23 -12.16
N TYR A 255 -4.09 -4.29 -11.79
CA TYR A 255 -4.53 -5.31 -12.73
C TYR A 255 -6.05 -5.32 -12.70
N ASP A 256 -6.67 -5.25 -13.88
CA ASP A 256 -8.13 -5.26 -13.95
C ASP A 256 -8.71 -6.62 -14.31
N GLY A 257 -7.88 -7.66 -14.39
CA GLY A 257 -8.31 -8.99 -14.80
C GLY A 257 -7.81 -9.39 -16.18
N HIS A 258 -7.53 -8.40 -17.04
CA HIS A 258 -7.02 -8.59 -18.38
C HIS A 258 -5.80 -7.75 -18.68
N THR A 259 -5.75 -6.50 -18.20
CA THR A 259 -4.72 -5.56 -18.56
C THR A 259 -4.01 -5.03 -17.31
N PHE A 260 -2.77 -4.58 -17.50
CA PHE A 260 -2.07 -3.84 -16.48
C PHE A 260 -2.31 -2.36 -16.71
N LEU A 261 -2.94 -1.69 -15.73
CA LEU A 261 -3.43 -0.35 -15.95
C LEU A 261 -2.28 0.65 -15.90
N ASP A 262 -2.34 1.65 -16.77
CA ASP A 262 -1.55 2.86 -16.59
C ASP A 262 -2.38 4.00 -16.07
N SER A 263 -3.67 3.75 -15.80
CA SER A 263 -4.59 4.80 -15.41
C SER A 263 -4.32 5.28 -13.99
N VAL A 264 -4.44 6.59 -13.78
CA VAL A 264 -4.38 7.19 -12.46
C VAL A 264 -5.68 7.94 -12.26
N GLU A 265 -6.53 7.46 -11.37
CA GLU A 265 -7.77 8.15 -11.03
C GLU A 265 -7.63 8.88 -9.71
N CYS A 266 -8.40 9.95 -9.57
CA CYS A 266 -8.30 10.82 -8.41
C CYS A 266 -9.69 11.03 -7.85
N TYR A 267 -9.84 10.87 -6.55
CA TYR A 267 -11.13 10.94 -5.88
C TYR A 267 -11.23 12.23 -5.09
N ASP A 268 -12.27 13.02 -5.37
CA ASP A 268 -12.55 14.23 -4.62
C ASP A 268 -13.60 13.92 -3.56
N PRO A 269 -13.24 13.90 -2.29
CA PRO A 269 -14.24 13.52 -1.27
C PRO A 269 -15.38 14.50 -1.16
N ASP A 270 -15.16 15.78 -1.50
CA ASP A 270 -16.22 16.77 -1.38
C ASP A 270 -17.21 16.72 -2.54
N THR A 271 -16.81 16.17 -3.69
CA THR A 271 -17.75 15.89 -4.77
C THR A 271 -18.10 14.41 -4.91
N ASP A 272 -17.47 13.53 -4.14
CA ASP A 272 -17.64 12.07 -4.25
C ASP A 272 -17.53 11.63 -5.71
N THR A 273 -16.40 12.01 -6.34
CA THR A 273 -16.18 11.85 -7.77
C THR A 273 -14.78 11.30 -8.02
N TRP A 274 -14.67 10.43 -9.01
CA TRP A 274 -13.40 9.89 -9.49
C TRP A 274 -13.18 10.39 -10.91
N SER A 275 -12.12 11.16 -11.12
CA SER A 275 -11.70 11.53 -12.45
C SER A 275 -10.31 10.96 -12.73
N GLU A 276 -10.09 10.58 -13.98
CA GLU A 276 -8.78 10.17 -14.42
C GLU A 276 -7.94 11.42 -14.66
N VAL A 277 -6.82 11.56 -13.95
CA VAL A 277 -6.05 12.79 -13.95
C VAL A 277 -4.75 12.70 -14.73
N THR A 278 -4.28 11.49 -15.03
CA THR A 278 -3.06 11.31 -15.79
C THR A 278 -2.94 9.83 -16.11
N ARG A 279 -1.79 9.43 -16.62
CA ARG A 279 -1.52 8.05 -16.92
C ARG A 279 -0.05 7.80 -16.66
N MET A 280 0.28 6.65 -16.10
CA MET A 280 1.68 6.30 -15.91
C MET A 280 2.35 6.16 -17.27
N THR A 281 3.68 6.22 -17.26
CA THR A 281 4.39 6.08 -18.53
C THR A 281 4.19 4.70 -19.15
N SER A 282 3.84 3.70 -18.35
CA SER A 282 3.56 2.35 -18.83
C SER A 282 2.70 1.66 -17.78
N GLY A 283 1.88 0.70 -18.22
CA GLY A 283 0.98 0.03 -17.30
C GLY A 283 1.74 -0.91 -16.37
N ARG A 284 1.28 -0.96 -15.11
CA ARG A 284 1.93 -1.81 -14.12
C ARG A 284 1.01 -1.97 -12.90
N SER A 285 1.26 -3.05 -12.16
CA SER A 285 0.55 -3.32 -10.92
C SER A 285 1.56 -3.67 -9.83
N GLY A 286 1.08 -3.73 -8.59
CA GLY A 286 1.97 -4.07 -7.49
C GLY A 286 3.06 -3.06 -7.24
N VAL A 287 2.79 -1.78 -7.47
CA VAL A 287 3.74 -0.71 -7.21
C VAL A 287 3.69 -0.32 -5.73
N GLY A 288 4.81 0.17 -5.22
CA GLY A 288 4.83 0.84 -3.93
C GLY A 288 4.68 2.32 -4.20
N VAL A 289 3.78 2.96 -3.46
CA VAL A 289 3.44 4.35 -3.70
C VAL A 289 3.58 5.13 -2.41
N ALA A 290 4.06 6.37 -2.51
CA ALA A 290 4.16 7.26 -1.36
C ALA A 290 4.27 8.69 -1.84
N VAL A 291 4.01 9.62 -0.93
CA VAL A 291 4.09 11.04 -1.21
C VAL A 291 5.14 11.67 -0.30
N THR A 292 5.95 12.56 -0.87
CA THR A 292 6.84 13.38 -0.09
C THR A 292 7.22 14.60 -0.93
C10 GCI B . -1.74 -8.21 -4.18
C10 GCI B . 0.57 -7.22 -5.47
N12 GCI B . 1.54 -8.83 -7.87
N12 GCI B . -3.21 -10.29 -4.96
C13 GCI B . -3.07 -11.15 -3.70
C13 GCI B . 2.94 -8.69 -7.16
C20 GCI B . 0.68 -9.29 -10.69
C20 GCI B . -5.30 -10.58 -7.24
C22 GCI B . -5.24 -10.91 -7.22
C22 GCI B . 0.67 -8.96 -10.55
C24 GCI B . -1.15 -10.18 -12.05
C24 GCI B . -5.23 -10.66 -9.67
C26 GCI B . 1.04 -11.18 -12.19
C26 GCI B . -6.68 -12.17 -8.47
C28 GCI B . -4.97 -10.30 -8.45
C28 GCI B . 1.51 -9.85 -11.25
C01 GCI B . -1.54 -10.81 -6.86
C01 GCI B . -0.37 -10.22 -7.52
C02 GCI B . -0.38 -10.39 -7.55
C02 GCI B . -1.54 -10.64 -6.83
C03 GCI B . 0.33 -9.27 -7.12
C03 GCI B . -1.98 -9.93 -5.71
C04 GCI B . -0.14 -8.52 -5.99
C04 GCI B . -1.27 -8.78 -5.27
C05 GCI B . -1.28 -8.93 -5.31
C05 GCI B . -0.12 -8.38 -5.93
C06 GCI B . -1.99 -10.10 -5.75
C06 GCI B . 0.35 -9.11 -7.07
C07 GCI B . 0.55 -7.36 -5.53
C07 GCI B . -1.72 -8.07 -4.13
C08 GCI B . 0.09 -6.65 -4.42
C08 GCI B . -1.03 -6.94 -3.68
C09 GCI B . -1.06 -7.08 -3.74
C09 GCI B . 0.12 -6.52 -4.35
C16 GCI B . 2.89 -8.96 -7.36
C16 GCI B . -3.16 -10.91 -3.65
C23 GCI B . -0.66 -9.26 -11.10
C23 GCI B . -4.80 -10.10 -8.46
C25 GCI B . -0.29 -11.14 -12.60
C25 GCI B . -6.17 -11.71 -9.68
C27 GCI B . 1.53 -10.25 -11.24
C27 GCI B . -6.24 -11.62 -7.25
C29 GCI B . -5.32 -10.93 -9.63
C29 GCI B . 0.95 -10.70 -12.19
C30 GCI B . -5.92 -12.18 -9.59
C30 GCI B . -0.41 -10.68 -12.44
C31 GCI B . -6.20 -12.79 -8.37
C31 GCI B . -1.24 -9.79 -11.76
C32 GCI B . -5.86 -12.15 -7.18
C32 GCI B . -0.69 -8.93 -10.80
C34 GCI B . -7.19 -12.06 -11.54
C34 GCI B . -0.01 -11.78 -14.43
C36 GCI B . -0.11 -12.55 -14.82
C36 GCI B . -6.50 -13.75 -11.25
C37 GCI B . 1.30 -12.05 -15.22
C37 GCI B . -5.95 -14.77 -10.22
C39 GCI B . 1.74 -12.50 -16.63
C39 GCI B . -7.18 -15.59 -9.76
C40 GCI B . 3.26 -10.31 -6.77
C40 GCI B . -3.49 -12.39 -3.64
C43 GCI B . -3.52 -12.61 -3.70
C43 GCI B . 3.53 -10.06 -6.78
C47 GCI B . 2.59 -10.90 -17.86
C47 GCI B . -8.02 -16.42 -7.97
C48 GCI B . 2.30 -9.76 -18.84
C48 GCI B . -8.18 -17.69 -7.13
C50 GCI B . 0.99 -11.31 -19.85
C50 GCI B . -7.01 -18.94 -8.60
C51 GCI B . 0.79 -12.15 -18.58
C51 GCI B . -7.01 -17.74 -9.56
N11 GCI B . -3.22 -10.49 -5.00
N11 GCI B . 1.58 -8.61 -7.77
N35 GCI B . -0.83 -12.11 -13.60
N35 GCI B . -6.61 -12.31 -10.97
N41 GCI B . 4.64 -10.54 -6.37
N41 GCI B . -3.59 -13.07 -2.36
N44 GCI B . -3.61 -13.37 -4.95
N44 GCI B . 2.77 -11.29 -6.78
N46 GCI B . 1.45 -11.61 -17.50
N46 GCI B . -7.00 -16.52 -8.91
O17 GCI B . -5.84 -10.06 -4.69
O17 GCI B . 0.56 -6.64 -9.17
O18 GCI B . 2.53 -7.37 -9.85
O18 GCI B . -5.81 -10.03 -4.59
O19 GCI B . 0.39 -6.92 -9.32
O19 GCI B . -4.84 -8.37 -5.78
O21 GCI B . -4.77 -8.59 -6.07
O21 GCI B . 2.66 -7.23 -9.76
O33 GCI B . -6.27 -12.81 -10.80
O33 GCI B . -0.93 -11.54 -13.40
O38 GCI B . -0.66 -13.34 -15.52
O38 GCI B . -6.90 -14.16 -12.30
O42 GCI B . 2.45 -11.16 -6.64
O42 GCI B . -3.66 -12.97 -4.66
O45 GCI B . -3.80 -13.14 -2.67
O45 GCI B . 4.69 -10.08 -6.47
O49 GCI B . 1.13 -9.97 -19.54
O49 GCI B . -7.09 -18.51 -7.28
S14 GCI B . 1.32 -8.06 -9.43
S14 GCI B . -4.77 -9.83 -5.61
S15 GCI B . -4.77 -10.01 -5.69
S15 GCI B . 1.39 -7.83 -9.30
H101 GCI B . -2.64 -8.54 -3.66
H101 GCI B . 1.47 -6.89 -5.98
H131 GCI B . -3.67 -10.60 -2.97
H131 GCI B . 3.62 -8.22 -7.87
H132 GCI B . -2.02 -11.11 -3.40
H132 GCI B . 2.91 -8.09 -6.25
H241 GCI B . -2.18 -10.14 -12.35
H241 GCI B . -4.83 -10.29 -10.61
H261 GCI B . 1.71 -11.92 -12.60
H261 GCI B . -7.40 -12.97 -8.46
H281 GCI B . -4.50 -9.31 -8.48
H281 GCI B . 2.58 -9.86 -11.05
H011 GCI B . -2.09 -11.69 -7.20
H011 GCI B . -0.03 -10.77 -8.39
H021 GCI B . -0.04 -10.94 -8.42
H021 GCI B . -2.10 -11.51 -7.18
H071 GCI B . 1.45 -7.02 -6.06
H071 GCI B . -2.63 -8.38 -3.61
H081 GCI B . 0.62 -5.76 -4.08
H081 GCI B . -1.39 -6.40 -2.81
H091 GCI B . -1.42 -6.52 -2.88
H091 GCI B . 0.66 -5.64 -4.00
H161 GCI B . 3.03 -8.22 -6.58
H161 GCI B . -3.85 -10.40 -3.00
H162 GCI B . 3.57 -8.75 -8.17
H162 GCI B . -2.15 -10.79 -3.28
H231 GCI B . -1.33 -8.51 -10.68
H231 GCI B . -4.08 -9.28 -8.46
H271 GCI B . 2.57 -10.29 -10.94
H271 GCI B . -6.63 -11.98 -6.31
H291 GCI B . -5.11 -10.46 -10.58
H291 GCI B . 1.59 -11.39 -12.73
H311 GCI B . -6.67 -13.76 -8.35
H311 GCI B . -2.30 -9.77 -11.96
H321 GCI B . -6.08 -12.62 -6.24
H321 GCI B . -1.33 -8.25 -10.25
H342 GCI B . -7.60 -12.68 -12.34
H342 GCI B . -0.51 -12.19 -15.28
H343 GCI B . -6.71 -11.19 -11.96
H343 GCI B . 0.47 -10.85 -14.70
H341 GCI B . -8.00 -11.74 -10.88
H341 GCI B . 0.74 -12.48 -14.08
H372 GCI B . 2.03 -12.43 -14.49
H372 GCI B . -5.51 -14.26 -9.37
H371 GCI B . 1.31 -10.96 -15.17
H371 GCI B . -5.20 -15.42 -10.67
H392 GCI B . 2.81 -12.68 -16.64
H392 GCI B . -7.90 -14.89 -9.35
H391 GCI B . 1.21 -13.42 -16.88
H391 GCI B . -7.61 -16.05 -10.66
H471 GCI B . 3.04 -10.49 -16.96
H471 GCI B . -7.79 -15.59 -7.30
H472 GCI B . 3.29 -11.60 -18.33
H472 GCI B . -8.96 -16.22 -8.48
H481 GCI B . 2.23 -8.83 -18.29
H481 GCI B . -8.29 -17.42 -6.09
H482 GCI B . 3.12 -9.69 -19.55
H482 GCI B . -9.08 -18.22 -7.45
H502 GCI B . 1.88 -11.65 -20.36
H502 GCI B . -7.87 -19.57 -8.81
H501 GCI B . 0.13 -11.44 -20.50
H501 GCI B . -6.10 -19.51 -8.73
H512 GCI B . 1.17 -13.15 -18.75
H512 GCI B . -7.90 -17.79 -10.17
H511 GCI B . -0.27 -12.21 -18.35
H511 GCI B . -6.13 -17.81 -10.19
H351 GCI B . -1.74 -12.50 -13.43
H351 GCI B . -7.01 -11.70 -11.67
H411 GCI B . 5.32 -9.82 -6.46
H411 GCI B . -3.82 -14.03 -2.31
H412 GCI B . 4.91 -11.43 -5.97
H412 GCI B . -3.44 -12.54 -1.51
H441 GCI B . -3.38 -12.93 -5.81
H441 GCI B . 1.80 -11.29 -7.05
H442 GCI B . -3.91 -14.32 -4.93
H442 GCI B . 3.21 -12.16 -6.53
#